data_3RJU
#
_entry.id   3RJU
#
_cell.length_a   43.161
_cell.length_b   75.477
_cell.length_c   59.068
_cell.angle_alpha   90.00
_cell.angle_beta   103.93
_cell.angle_gamma   90.00
#
_symmetry.space_group_name_H-M   'P 1 21 1'
#
loop_
_entity.id
_entity.type
_entity.pdbx_description
1 polymer 'Beta-lactamase/D-alanine Carboxypeptidase'
2 non-polymer 'CITRIC ACID'
3 non-polymer GLYCEROL
4 water water
#
_entity_poly.entity_id   1
_entity_poly.type   'polypeptide(L)'
_entity_poly.pdbx_seq_one_letter_code
;SNALLTSQIVDQYAEHIFYNSGAVG(MSE)ALVVIDNNQVVNRSFGETQPGNNIRPRPDSLIRIASITKL(MSE)TSEI
(MSE)VKLADDGIVKLTDPLKKYAPKGVNVPSYSAKQPIRLLHLASHTSGLPREQPGGPQKRPVFTWPTKDNRWQWLKLA
KVTVPPGVKAAYSNLAYDLLADALSRAAGKPYAHLLRDKITAPLG(MSE)KNTTLTPTAEQCKRL(MSE)IGVGSSRCGN
TVAAAGSGGIYSTPED(MSE)QHW(MSE)QQFLASDNSAPKRSAKREQALYFQRGDLVSLKG(MSE)DVAGQADALGLGW
VY(MSE)APKADLPGI(MSE)QKTGGGGGFITY(MSE)A(MSE)VPEKNIGVFVVVTRSQLTKFSN(MSE)SDGVNQLVA
ELVK
;
_entity_poly.pdbx_strand_id   A
#
loop_
_chem_comp.id
_chem_comp.type
_chem_comp.name
_chem_comp.formula
CIT non-polymer 'CITRIC ACID' 'C6 H8 O7'
GOL non-polymer GLYCEROL 'C3 H8 O3'
#
# COMPACT_ATOMS: atom_id res chain seq x y z
N SER A 1 18.51 -5.87 -14.27
CA SER A 1 19.54 -6.88 -14.46
C SER A 1 19.50 -7.47 -15.86
N ASN A 2 20.60 -8.10 -16.25
CA ASN A 2 20.64 -8.85 -17.49
C ASN A 2 19.83 -10.13 -17.28
N ALA A 3 18.97 -10.49 -18.23
CA ALA A 3 18.14 -11.69 -18.09
C ALA A 3 18.92 -12.96 -17.76
N LEU A 4 20.18 -13.03 -18.18
CA LEU A 4 21.01 -14.20 -17.89
C LEU A 4 21.25 -14.40 -16.38
N LEU A 5 21.14 -13.32 -15.61
CA LEU A 5 21.48 -13.34 -14.18
C LEU A 5 20.31 -13.07 -13.22
N THR A 6 19.16 -12.67 -13.74
CA THR A 6 18.07 -12.23 -12.85
C THR A 6 17.72 -13.25 -11.78
N SER A 7 17.48 -14.50 -12.21
CA SER A 7 17.11 -15.58 -11.30
C SER A 7 18.22 -15.81 -10.25
N GLN A 8 19.46 -15.87 -10.70
N GLN A 8 19.46 -15.85 -10.74
CA GLN A 8 20.59 -16.08 -9.78
CA GLN A 8 20.64 -15.98 -9.89
C GLN A 8 20.76 -14.92 -8.78
C GLN A 8 20.65 -14.92 -8.80
N ILE A 9 20.51 -13.68 -9.22
CA ILE A 9 20.59 -12.55 -8.30
C ILE A 9 19.47 -12.67 -7.24
N VAL A 10 18.27 -13.00 -7.68
CA VAL A 10 17.18 -13.19 -6.73
C VAL A 10 17.56 -14.26 -5.70
N ASP A 11 18.16 -15.35 -6.18
CA ASP A 11 18.58 -16.42 -5.29
C ASP A 11 19.68 -16.04 -4.29
N GLN A 12 20.44 -15.01 -4.60
CA GLN A 12 21.42 -14.49 -3.64
C GLN A 12 20.76 -13.90 -2.40
N TYR A 13 19.49 -13.50 -2.52
CA TYR A 13 18.80 -12.77 -1.45
C TYR A 13 17.59 -13.45 -0.87
N ALA A 14 16.86 -14.22 -1.67
CA ALA A 14 15.51 -14.64 -1.28
C ALA A 14 15.49 -15.46 0.02
N GLU A 15 16.33 -16.48 0.09
CA GLU A 15 16.34 -17.31 1.28
C GLU A 15 16.83 -16.53 2.51
N HIS A 16 17.76 -15.60 2.29
CA HIS A 16 18.20 -14.77 3.42
C HIS A 16 17.08 -13.90 3.97
N ILE A 17 16.25 -13.33 3.08
CA ILE A 17 15.13 -12.53 3.52
C ILE A 17 14.15 -13.39 4.32
N PHE A 18 13.90 -14.58 3.81
CA PHE A 18 13.04 -15.54 4.51
C PHE A 18 13.55 -15.84 5.92
N TYR A 19 14.82 -16.20 6.05
CA TYR A 19 15.34 -16.55 7.37
C TYR A 19 15.53 -15.33 8.28
N ASN A 20 16.08 -14.25 7.73
CA ASN A 20 16.38 -13.09 8.57
C ASN A 20 15.13 -12.43 9.12
N SER A 21 14.04 -12.52 8.36
CA SER A 21 12.79 -11.90 8.76
C SER A 21 12.03 -12.78 9.75
N GLY A 22 12.52 -13.99 10.00
CA GLY A 22 11.82 -14.90 10.90
C GLY A 22 10.46 -15.30 10.36
N ALA A 23 10.28 -15.26 9.04
CA ALA A 23 8.99 -15.60 8.46
C ALA A 23 8.49 -17.00 8.80
N VAL A 24 7.18 -17.11 9.00
CA VAL A 24 6.54 -18.41 9.02
C VAL A 24 6.42 -18.87 7.56
N GLY A 25 5.87 -17.98 6.71
CA GLY A 25 5.81 -18.21 5.28
C GLY A 25 6.14 -16.94 4.54
N MSE A 26 6.56 -17.08 3.28
CA MSE A 26 6.92 -15.92 2.47
C MSE A 26 6.63 -16.16 1.00
O MSE A 26 6.86 -17.26 0.48
CB MSE A 26 8.42 -15.61 2.63
CG MSE A 26 8.89 -14.44 1.78
SE MSE A 26 10.74 -14.04 2.20
CE MSE A 26 11.47 -13.83 0.47
N ALA A 27 6.12 -15.13 0.32
CA ALA A 27 6.13 -15.09 -1.12
C ALA A 27 6.86 -13.85 -1.60
N LEU A 28 7.70 -14.04 -2.62
CA LEU A 28 8.50 -12.96 -3.18
C LEU A 28 8.23 -12.92 -4.69
N VAL A 29 7.93 -11.72 -5.20
CA VAL A 29 7.65 -11.53 -6.61
C VAL A 29 8.59 -10.47 -7.12
N VAL A 30 9.38 -10.82 -8.14
CA VAL A 30 10.34 -9.90 -8.71
C VAL A 30 10.03 -9.71 -10.19
N ILE A 31 9.90 -8.45 -10.61
CA ILE A 31 9.73 -8.14 -12.02
C ILE A 31 10.94 -7.33 -12.43
N ASP A 32 11.63 -7.76 -13.49
CA ASP A 32 12.80 -7.05 -13.97
C ASP A 32 12.73 -7.08 -15.49
N ASN A 33 12.21 -5.99 -16.06
N ASN A 33 12.22 -5.99 -16.06
CA ASN A 33 11.95 -5.93 -17.50
CA ASN A 33 12.02 -5.91 -17.50
C ASN A 33 11.11 -7.13 -17.95
C ASN A 33 11.14 -7.09 -17.98
N ASN A 34 11.69 -8.01 -18.78
CA ASN A 34 10.91 -9.15 -19.26
C ASN A 34 10.92 -10.37 -18.32
N GLN A 35 11.66 -10.27 -17.23
CA GLN A 35 11.82 -11.40 -16.30
C GLN A 35 10.84 -11.29 -15.16
N VAL A 36 10.17 -12.40 -14.87
CA VAL A 36 9.41 -12.51 -13.64
C VAL A 36 9.96 -13.68 -12.84
N VAL A 37 10.37 -13.42 -11.60
CA VAL A 37 10.95 -14.46 -10.75
C VAL A 37 10.10 -14.52 -9.49
N ASN A 38 9.56 -15.70 -9.22
CA ASN A 38 8.76 -15.95 -8.02
C ASN A 38 9.48 -16.91 -7.10
N ARG A 39 9.46 -16.64 -5.80
CA ARG A 39 10.00 -17.58 -4.82
C ARG A 39 9.00 -17.66 -3.66
N SER A 40 8.85 -18.86 -3.12
CA SER A 40 8.01 -19.09 -1.97
C SER A 40 8.77 -19.92 -0.96
N PHE A 41 8.61 -19.61 0.32
CA PHE A 41 9.31 -20.32 1.38
C PHE A 41 8.41 -20.55 2.57
N GLY A 42 8.75 -21.57 3.36
CA GLY A 42 8.07 -21.77 4.62
C GLY A 42 6.70 -22.40 4.48
N GLU A 43 5.78 -21.96 5.34
CA GLU A 43 4.51 -22.65 5.51
C GLU A 43 3.38 -21.65 5.52
N THR A 44 2.21 -22.08 5.06
CA THR A 44 1.02 -21.23 5.06
C THR A 44 0.32 -21.18 6.43
N GLN A 45 0.74 -22.05 7.34
N GLN A 45 0.72 -22.07 7.34
CA GLN A 45 0.33 -21.99 8.74
CA GLN A 45 0.28 -22.02 8.75
C GLN A 45 1.41 -22.67 9.55
C GLN A 45 1.39 -22.68 9.56
N PRO A 46 1.69 -22.16 10.76
CA PRO A 46 2.78 -22.77 11.54
C PRO A 46 2.61 -24.29 11.66
N GLY A 47 3.62 -25.04 11.24
CA GLY A 47 3.62 -26.48 11.38
C GLY A 47 2.94 -27.27 10.27
N ASN A 48 2.32 -26.61 9.29
CA ASN A 48 1.58 -27.37 8.30
C ASN A 48 2.38 -27.88 7.10
N ASN A 49 3.62 -27.42 6.99
CA ASN A 49 4.52 -27.84 5.92
C ASN A 49 3.95 -27.68 4.52
N ILE A 50 3.07 -26.70 4.35
CA ILE A 50 2.50 -26.39 3.05
C ILE A 50 3.14 -25.10 2.55
N ARG A 51 3.88 -25.17 1.44
CA ARG A 51 4.52 -23.97 0.88
C ARG A 51 3.49 -22.98 0.32
N PRO A 52 3.74 -21.66 0.51
CA PRO A 52 2.82 -20.69 -0.12
C PRO A 52 2.78 -20.84 -1.63
N ARG A 53 1.64 -20.51 -2.22
CA ARG A 53 1.38 -20.69 -3.64
C ARG A 53 1.04 -19.35 -4.28
N PRO A 54 1.08 -19.29 -5.61
CA PRO A 54 0.71 -18.05 -6.31
C PRO A 54 -0.67 -17.54 -5.90
N ASP A 55 -1.56 -18.46 -5.53
CA ASP A 55 -2.91 -18.07 -5.16
C ASP A 55 -3.15 -18.15 -3.66
N SER A 56 -2.10 -18.19 -2.85
CA SER A 56 -2.28 -18.05 -1.41
C SER A 56 -2.88 -16.67 -1.10
N LEU A 57 -3.91 -16.63 -0.26
CA LEU A 57 -4.49 -15.34 0.11
C LEU A 57 -3.60 -14.68 1.15
N ILE A 58 -3.45 -13.37 1.00
CA ILE A 58 -2.63 -12.59 1.92
C ILE A 58 -3.38 -11.32 2.28
N ARG A 59 -3.04 -10.73 3.43
CA ARG A 59 -3.44 -9.36 3.71
C ARG A 59 -2.33 -8.43 3.23
N ILE A 60 -2.65 -7.51 2.31
CA ILE A 60 -1.59 -6.60 1.86
C ILE A 60 -1.41 -5.41 2.78
N ALA A 61 -2.30 -5.29 3.77
CA ALA A 61 -2.21 -4.20 4.74
C ALA A 61 -2.10 -2.87 3.98
N SER A 62 -1.18 -2.00 4.38
CA SER A 62 -1.16 -0.63 3.84
C SER A 62 -0.73 -0.47 2.38
N ILE A 63 -0.35 -1.56 1.71
CA ILE A 63 -0.22 -1.47 0.26
C ILE A 63 -1.57 -1.00 -0.31
N THR A 64 -2.63 -1.27 0.45
CA THR A 64 -3.99 -0.80 0.13
C THR A 64 -3.99 0.70 -0.20
N LYS A 65 -3.21 1.49 0.54
CA LYS A 65 -3.20 2.94 0.33
C LYS A 65 -2.78 3.32 -1.09
N LEU A 66 -1.89 2.54 -1.71
CA LEU A 66 -1.49 2.81 -3.10
C LEU A 66 -2.66 2.67 -4.05
N MSE A 67 -3.54 1.72 -3.75
CA MSE A 67 -4.74 1.54 -4.57
C MSE A 67 -5.77 2.65 -4.33
O MSE A 67 -6.44 3.08 -5.26
CB MSE A 67 -5.34 0.14 -4.34
CG MSE A 67 -4.37 -0.95 -4.78
SE MSE A 67 -5.04 -2.74 -4.62
CE MSE A 67 -3.37 -3.71 -4.97
N THR A 68 -5.91 3.10 -3.09
CA THR A 68 -6.79 4.24 -2.82
C THR A 68 -6.31 5.46 -3.59
N SER A 69 -5.02 5.74 -3.54
CA SER A 69 -4.48 6.86 -4.34
C SER A 69 -4.62 6.63 -5.83
N GLU A 70 -4.46 5.38 -6.27
CA GLU A 70 -4.69 5.05 -7.68
C GLU A 70 -6.10 5.43 -8.12
N ILE A 71 -7.09 5.03 -7.33
CA ILE A 71 -8.48 5.36 -7.61
C ILE A 71 -8.70 6.88 -7.61
N MSE A 72 -8.12 7.58 -6.64
CA MSE A 72 -8.23 9.04 -6.63
C MSE A 72 -7.66 9.64 -7.93
O MSE A 72 -8.28 10.48 -8.56
CB MSE A 72 -7.51 9.64 -5.42
CG MSE A 72 -7.60 11.16 -5.35
SE MSE A 72 -6.49 11.89 -3.93
CE MSE A 72 -4.75 11.29 -4.61
N VAL A 73 -6.48 9.18 -8.34
CA VAL A 73 -5.85 9.70 -9.55
C VAL A 73 -6.70 9.39 -10.79
N LYS A 74 -7.23 8.17 -10.87
CA LYS A 74 -8.09 7.83 -12.00
C LYS A 74 -9.37 8.65 -12.03
N LEU A 75 -10.00 8.83 -10.86
CA LEU A 75 -11.21 9.67 -10.80
C LEU A 75 -10.91 11.14 -11.13
N ALA A 76 -9.72 11.61 -10.78
CA ALA A 76 -9.32 12.97 -11.12
C ALA A 76 -9.15 13.10 -12.63
N ASP A 77 -8.55 12.10 -13.26
CA ASP A 77 -8.43 12.15 -14.71
C ASP A 77 -9.81 12.13 -15.39
N ASP A 78 -10.77 11.44 -14.77
CA ASP A 78 -12.14 11.39 -15.26
C ASP A 78 -12.91 12.69 -15.04
N GLY A 79 -12.33 13.60 -14.26
CA GLY A 79 -13.02 14.84 -13.90
C GLY A 79 -14.05 14.69 -12.78
N ILE A 80 -14.03 13.55 -12.10
CA ILE A 80 -14.98 13.26 -11.01
C ILE A 80 -14.56 13.84 -9.65
N VAL A 81 -13.26 13.91 -9.41
CA VAL A 81 -12.73 14.67 -8.26
C VAL A 81 -11.56 15.49 -8.76
N LYS A 82 -11.10 16.40 -7.91
CA LYS A 82 -9.81 17.06 -8.06
C LYS A 82 -9.00 16.75 -6.80
N LEU A 83 -7.69 16.56 -6.96
CA LEU A 83 -6.82 16.35 -5.81
C LEU A 83 -6.94 17.47 -4.80
N THR A 84 -7.29 18.66 -5.28
CA THR A 84 -7.40 19.83 -4.41
C THR A 84 -8.78 20.02 -3.77
N ASP A 85 -9.72 19.13 -4.05
CA ASP A 85 -11.06 19.28 -3.47
C ASP A 85 -10.97 19.17 -1.96
N PRO A 86 -11.64 20.08 -1.27
CA PRO A 86 -11.80 19.90 0.19
C PRO A 86 -12.53 18.60 0.50
N LEU A 87 -12.09 17.89 1.53
CA LEU A 87 -12.85 16.73 1.98
C LEU A 87 -14.31 17.10 2.23
N LYS A 88 -14.56 18.31 2.70
N LYS A 88 -14.53 18.32 2.71
CA LYS A 88 -15.92 18.73 3.04
CA LYS A 88 -15.87 18.81 3.01
C LYS A 88 -16.84 18.78 1.81
C LYS A 88 -16.81 18.61 1.82
N LYS A 89 -16.29 18.75 0.61
CA LYS A 89 -17.10 18.68 -0.60
C LYS A 89 -17.87 17.36 -0.68
N TYR A 90 -17.30 16.32 -0.08
CA TYR A 90 -17.84 14.96 -0.17
C TYR A 90 -18.38 14.47 1.17
N ALA A 91 -18.73 15.40 2.03
CA ALA A 91 -19.29 15.09 3.34
C ALA A 91 -20.76 14.78 3.20
N PRO A 92 -21.28 13.86 4.04
CA PRO A 92 -22.71 13.58 4.00
C PRO A 92 -23.51 14.86 4.20
N LYS A 93 -24.75 14.87 3.75
CA LYS A 93 -25.64 16.01 3.91
C LYS A 93 -25.59 16.57 5.33
N GLY A 94 -25.23 17.85 5.44
CA GLY A 94 -25.33 18.56 6.70
C GLY A 94 -24.30 18.25 7.79
N VAL A 95 -23.34 17.38 7.51
CA VAL A 95 -22.31 17.11 8.51
C VAL A 95 -21.06 17.96 8.30
N ASN A 96 -20.58 18.51 9.41
CA ASN A 96 -19.43 19.40 9.42
C ASN A 96 -18.12 18.63 9.26
N VAL A 97 -17.21 19.17 8.46
CA VAL A 97 -15.85 18.67 8.43
C VAL A 97 -14.97 19.78 8.99
N PRO A 98 -14.32 19.51 10.13
CA PRO A 98 -13.53 20.57 10.74
C PRO A 98 -12.29 20.93 9.92
N SER A 99 -11.84 22.16 10.09
N SER A 99 -11.89 22.19 10.04
CA SER A 99 -10.67 22.67 9.40
CA SER A 99 -10.69 22.68 9.38
C SER A 99 -9.85 23.49 10.36
C SER A 99 -9.83 23.36 10.44
N TYR A 100 -8.56 23.55 10.11
CA TYR A 100 -7.67 24.33 10.94
C TYR A 100 -8.13 25.79 10.96
N SER A 101 -8.42 26.33 9.77
CA SER A 101 -9.03 27.65 9.62
C SER A 101 -9.86 27.67 8.33
N ALA A 102 -10.72 28.69 8.20
CA ALA A 102 -11.70 28.73 7.11
C ALA A 102 -11.06 28.53 5.72
N LYS A 103 -9.93 29.18 5.49
CA LYS A 103 -9.30 29.17 4.19
C LYS A 103 -8.27 28.05 4.02
N GLN A 104 -8.10 27.21 5.05
N GLN A 104 -8.15 27.19 5.03
CA GLN A 104 -7.15 26.08 5.01
CA GLN A 104 -7.16 26.12 4.96
C GLN A 104 -7.84 24.74 5.24
C GLN A 104 -7.82 24.77 5.21
N PRO A 105 -8.76 24.37 4.35
CA PRO A 105 -9.46 23.10 4.56
C PRO A 105 -8.56 21.90 4.29
N ILE A 106 -8.88 20.76 4.88
CA ILE A 106 -8.24 19.52 4.49
C ILE A 106 -8.70 19.16 3.08
N ARG A 107 -7.75 18.90 2.18
CA ARG A 107 -8.06 18.53 0.81
C ARG A 107 -7.69 17.07 0.54
N LEU A 108 -8.19 16.50 -0.55
CA LEU A 108 -7.93 15.08 -0.82
C LEU A 108 -6.42 14.79 -0.88
N LEU A 109 -5.66 15.69 -1.49
CA LEU A 109 -4.21 15.59 -1.55
C LEU A 109 -3.58 15.43 -0.17
N HIS A 110 -4.12 16.15 0.82
CA HIS A 110 -3.58 16.07 2.17
C HIS A 110 -3.83 14.69 2.77
N LEU A 111 -5.02 14.14 2.54
CA LEU A 111 -5.31 12.81 3.05
C LEU A 111 -4.34 11.81 2.44
N ALA A 112 -4.08 11.93 1.13
CA ALA A 112 -3.25 10.95 0.42
C ALA A 112 -1.76 11.03 0.78
N SER A 113 -1.31 12.21 1.16
CA SER A 113 0.10 12.46 1.47
C SER A 113 0.41 12.52 3.00
N HIS A 114 -0.59 12.21 3.82
CA HIS A 114 -0.40 12.17 5.29
C HIS A 114 -0.17 13.55 5.92
N THR A 115 -0.63 14.59 5.23
CA THR A 115 -0.38 15.95 5.70
C THR A 115 -1.66 16.68 6.17
N SER A 116 -2.71 15.92 6.44
CA SER A 116 -4.01 16.54 6.75
C SER A 116 -4.13 17.08 8.17
N GLY A 117 -3.24 16.68 9.07
CA GLY A 117 -3.38 17.05 10.47
C GLY A 117 -4.27 16.12 11.28
N LEU A 118 -4.85 15.12 10.62
CA LEU A 118 -5.71 14.18 11.33
C LEU A 118 -4.87 13.15 12.09
N PRO A 119 -5.46 12.55 13.13
CA PRO A 119 -4.68 11.54 13.86
C PRO A 119 -4.53 10.26 13.06
N ARG A 120 -3.65 9.39 13.52
CA ARG A 120 -3.35 8.15 12.82
C ARG A 120 -4.56 7.21 12.81
N GLU A 121 -5.21 7.09 13.97
CA GLU A 121 -6.46 6.35 14.09
C GLU A 121 -7.55 7.22 14.72
N GLN A 122 -8.80 6.91 14.41
CA GLN A 122 -9.87 7.49 15.21
C GLN A 122 -9.64 7.09 16.66
N PRO A 123 -9.68 8.07 17.57
CA PRO A 123 -9.51 7.73 19.00
C PRO A 123 -10.74 7.03 19.57
N GLY A 124 -10.58 6.40 20.73
CA GLY A 124 -11.70 5.95 21.53
C GLY A 124 -12.38 4.67 21.10
N GLY A 125 -11.65 3.80 20.39
CA GLY A 125 -12.24 2.57 19.93
C GLY A 125 -12.12 1.43 20.93
N PRO A 126 -12.76 0.29 20.65
CA PRO A 126 -12.62 -0.86 21.55
C PRO A 126 -11.16 -1.29 21.71
N GLN A 127 -10.76 -1.59 22.96
CA GLN A 127 -9.35 -1.84 23.27
C GLN A 127 -8.84 -3.15 22.63
N LYS A 128 -9.70 -4.17 22.58
CA LYS A 128 -9.40 -5.38 21.84
C LYS A 128 -10.32 -5.40 20.63
N ARG A 129 -9.72 -5.57 19.45
CA ARG A 129 -10.34 -5.19 18.19
C ARG A 129 -9.71 -6.01 17.05
N PRO A 130 -10.52 -6.81 16.34
CA PRO A 130 -10.05 -7.52 15.15
C PRO A 130 -9.62 -6.57 14.04
N VAL A 131 -8.53 -6.92 13.35
CA VAL A 131 -7.89 -6.00 12.43
C VAL A 131 -8.80 -5.57 11.26
N PHE A 132 -8.73 -4.29 10.91
CA PHE A 132 -9.45 -3.76 9.75
C PHE A 132 -10.97 -3.82 9.88
N THR A 133 -11.46 -3.66 11.11
CA THR A 133 -12.90 -3.70 11.32
C THR A 133 -13.48 -2.47 12.02
N TRP A 134 -12.64 -1.68 12.69
CA TRP A 134 -13.08 -0.46 13.39
C TRP A 134 -12.04 0.65 13.17
N PRO A 135 -12.50 1.91 12.95
CA PRO A 135 -13.89 2.38 12.92
C PRO A 135 -14.57 2.05 11.61
N THR A 136 -15.90 1.97 11.64
CA THR A 136 -16.66 1.86 10.41
C THR A 136 -16.77 3.24 9.76
N LYS A 137 -17.27 3.27 8.53
CA LYS A 137 -17.55 4.55 7.87
C LYS A 137 -18.46 5.44 8.73
N ASP A 138 -19.59 4.90 9.19
CA ASP A 138 -20.47 5.71 10.03
C ASP A 138 -19.73 6.19 11.30
N ASN A 139 -18.93 5.34 11.93
CA ASN A 139 -18.17 5.78 13.11
C ASN A 139 -17.29 6.98 12.75
N ARG A 140 -16.60 6.88 11.61
CA ARG A 140 -15.66 7.93 11.21
C ARG A 140 -16.34 9.29 11.08
N TRP A 141 -17.47 9.31 10.41
CA TRP A 141 -18.14 10.57 10.14
C TRP A 141 -18.84 11.12 11.38
N GLN A 142 -19.29 10.23 12.26
CA GLN A 142 -19.84 10.66 13.55
C GLN A 142 -18.75 11.33 14.39
N TRP A 143 -17.55 10.77 14.38
CA TRP A 143 -16.41 11.36 15.08
C TRP A 143 -15.96 12.66 14.43
N LEU A 144 -15.86 12.66 13.11
CA LEU A 144 -15.25 13.79 12.40
C LEU A 144 -16.06 15.07 12.64
N LYS A 145 -17.38 14.94 12.70
CA LYS A 145 -18.22 16.12 12.73
C LYS A 145 -18.06 16.92 14.03
N LEU A 146 -17.55 16.27 15.07
CA LEU A 146 -17.30 16.93 16.35
C LEU A 146 -15.81 17.14 16.62
N ALA A 147 -14.96 16.70 15.69
CA ALA A 147 -13.52 16.72 15.89
C ALA A 147 -12.93 18.11 15.71
N LYS A 148 -11.76 18.33 16.29
CA LYS A 148 -11.04 19.58 16.12
C LYS A 148 -9.74 19.31 15.39
N VAL A 149 -9.43 20.15 14.42
CA VAL A 149 -8.19 20.03 13.69
C VAL A 149 -7.31 21.21 14.09
N THR A 150 -6.19 20.93 14.74
CA THR A 150 -5.40 21.99 15.32
C THR A 150 -4.05 22.27 14.66
N VAL A 151 -3.74 21.56 13.57
CA VAL A 151 -2.55 21.89 12.81
C VAL A 151 -2.97 22.21 11.37
N PRO A 152 -2.33 23.21 10.76
CA PRO A 152 -2.73 23.48 9.37
C PRO A 152 -2.32 22.36 8.43
N PRO A 153 -3.03 22.22 7.31
CA PRO A 153 -2.67 21.14 6.36
C PRO A 153 -1.37 21.45 5.60
N GLY A 154 -0.68 20.40 5.17
CA GLY A 154 0.53 20.57 4.38
C GLY A 154 1.75 21.03 5.16
N VAL A 155 1.69 20.91 6.48
CA VAL A 155 2.77 21.40 7.34
C VAL A 155 3.54 20.27 8.00
N LYS A 156 2.82 19.26 8.47
CA LYS A 156 3.43 18.09 9.09
C LYS A 156 2.92 16.82 8.43
N ALA A 157 3.81 15.85 8.21
CA ALA A 157 3.36 14.52 7.81
C ALA A 157 3.20 13.70 9.07
N ALA A 158 2.07 13.01 9.18
CA ALA A 158 1.85 12.08 10.28
C ALA A 158 1.03 10.96 9.69
N TYR A 159 1.67 9.80 9.54
CA TYR A 159 1.05 8.67 8.86
C TYR A 159 -0.32 8.40 9.46
N SER A 160 -1.32 8.25 8.61
CA SER A 160 -2.68 8.07 9.08
C SER A 160 -3.46 7.01 8.31
N ASN A 161 -4.08 6.10 9.06
CA ASN A 161 -5.07 5.18 8.55
C ASN A 161 -6.43 5.86 8.42
N LEU A 162 -6.85 6.54 9.49
CA LEU A 162 -8.11 7.28 9.49
C LEU A 162 -8.26 8.16 8.24
N ALA A 163 -7.25 8.96 7.94
CA ALA A 163 -7.31 9.87 6.81
C ALA A 163 -7.53 9.12 5.49
N TYR A 164 -6.88 7.97 5.33
CA TYR A 164 -7.00 7.18 4.12
C TYR A 164 -8.38 6.53 3.96
N ASP A 165 -9.01 6.14 5.08
CA ASP A 165 -10.37 5.63 4.98
C ASP A 165 -11.37 6.76 4.70
N LEU A 166 -11.15 7.94 5.29
CA LEU A 166 -11.94 9.10 4.90
C LEU A 166 -11.78 9.41 3.40
N LEU A 167 -10.58 9.24 2.87
CA LEU A 167 -10.35 9.42 1.44
C LEU A 167 -11.20 8.44 0.63
N ALA A 168 -11.20 7.16 1.03
CA ALA A 168 -12.00 6.18 0.32
C ALA A 168 -13.46 6.56 0.38
N ASP A 169 -13.91 7.04 1.55
CA ASP A 169 -15.31 7.48 1.70
C ASP A 169 -15.63 8.60 0.70
N ALA A 170 -14.71 9.54 0.57
CA ALA A 170 -14.91 10.69 -0.30
C ALA A 170 -14.98 10.25 -1.75
N LEU A 171 -14.08 9.34 -2.12
CA LEU A 171 -14.02 8.85 -3.49
C LEU A 171 -15.30 8.11 -3.87
N SER A 172 -15.80 7.31 -2.93
CA SER A 172 -17.08 6.61 -3.11
C SER A 172 -18.23 7.61 -3.29
N ARG A 173 -18.26 8.64 -2.45
CA ARG A 173 -19.31 9.65 -2.57
C ARG A 173 -19.22 10.36 -3.91
N ALA A 174 -18.02 10.76 -4.31
CA ALA A 174 -17.81 11.48 -5.57
C ALA A 174 -18.26 10.64 -6.77
N ALA A 175 -17.93 9.35 -6.74
CA ALA A 175 -18.24 8.46 -7.86
C ALA A 175 -19.70 8.00 -7.82
N GLY A 176 -20.33 8.09 -6.65
CA GLY A 176 -21.70 7.65 -6.50
C GLY A 176 -21.89 6.13 -6.50
N LYS A 177 -20.87 5.40 -6.04
CA LYS A 177 -20.98 3.96 -5.91
C LYS A 177 -20.12 3.48 -4.73
N PRO A 178 -20.44 2.29 -4.18
CA PRO A 178 -19.68 1.77 -3.05
C PRO A 178 -18.21 1.68 -3.39
N TYR A 179 -17.35 1.91 -2.41
CA TYR A 179 -15.92 1.81 -2.66
C TYR A 179 -15.51 0.46 -3.25
N ALA A 180 -16.14 -0.62 -2.78
CA ALA A 180 -15.81 -1.95 -3.29
C ALA A 180 -16.04 -2.01 -4.81
N HIS A 181 -17.05 -1.29 -5.30
CA HIS A 181 -17.29 -1.24 -6.74
C HIS A 181 -16.23 -0.44 -7.48
N LEU A 182 -15.74 0.64 -6.87
CA LEU A 182 -14.61 1.35 -7.45
C LEU A 182 -13.36 0.49 -7.56
N LEU A 183 -13.04 -0.22 -6.47
CA LEU A 183 -11.85 -1.10 -6.45
C LEU A 183 -11.97 -2.13 -7.58
N ARG A 184 -13.15 -2.71 -7.73
N ARG A 184 -13.15 -2.71 -7.72
CA ARG A 184 -13.40 -3.69 -8.77
CA ARG A 184 -13.43 -3.68 -8.77
C ARG A 184 -13.32 -3.03 -10.16
C ARG A 184 -13.33 -3.03 -10.16
N ASP A 185 -14.05 -1.93 -10.35
CA ASP A 185 -14.16 -1.33 -11.69
C ASP A 185 -12.89 -0.63 -12.18
N LYS A 186 -12.18 0.02 -11.26
CA LYS A 186 -10.98 0.77 -11.63
C LYS A 186 -9.70 -0.05 -11.58
N ILE A 187 -9.67 -1.09 -10.76
CA ILE A 187 -8.43 -1.82 -10.55
C ILE A 187 -8.49 -3.32 -10.83
N THR A 188 -9.27 -4.04 -10.04
CA THR A 188 -9.16 -5.50 -10.05
C THR A 188 -9.80 -6.19 -11.27
N ALA A 189 -10.96 -5.72 -11.71
CA ALA A 189 -11.60 -6.36 -12.85
C ALA A 189 -10.78 -6.20 -14.15
N PRO A 190 -10.30 -4.97 -14.44
CA PRO A 190 -9.53 -4.82 -15.68
C PRO A 190 -8.24 -5.65 -15.68
N LEU A 191 -7.68 -5.93 -14.52
CA LEU A 191 -6.43 -6.67 -14.45
C LEU A 191 -6.62 -8.14 -14.15
N GLY A 192 -7.87 -8.55 -13.96
CA GLY A 192 -8.16 -9.95 -13.68
C GLY A 192 -7.58 -10.41 -12.35
N MSE A 193 -7.53 -9.50 -11.38
CA MSE A 193 -7.09 -9.81 -10.02
C MSE A 193 -8.26 -10.41 -9.26
O MSE A 193 -8.94 -9.72 -8.47
CB MSE A 193 -6.57 -8.56 -9.34
CG MSE A 193 -5.33 -7.97 -10.04
SE MSE A 193 -4.93 -6.14 -9.51
CE MSE A 193 -4.30 -6.51 -7.72
N LYS A 194 -8.50 -11.69 -9.52
CA LYS A 194 -9.72 -12.35 -9.15
C LYS A 194 -9.77 -12.68 -7.68
N ASN A 195 -8.65 -12.50 -6.99
CA ASN A 195 -8.63 -12.75 -5.55
C ASN A 195 -8.31 -11.51 -4.71
N THR A 196 -8.52 -10.34 -5.29
CA THR A 196 -8.20 -9.09 -4.61
C THR A 196 -9.52 -8.43 -4.19
N THR A 197 -9.72 -8.30 -2.89
CA THR A 197 -11.06 -8.08 -2.37
C THR A 197 -11.05 -7.57 -0.93
N LEU A 198 -12.13 -6.91 -0.53
CA LEU A 198 -12.39 -6.53 0.85
C LEU A 198 -13.44 -7.45 1.46
N THR A 199 -13.98 -8.34 0.64
CA THR A 199 -15.06 -9.21 1.07
C THR A 199 -14.81 -10.65 0.61
N PRO A 200 -13.80 -11.31 1.19
CA PRO A 200 -13.46 -12.67 0.74
C PRO A 200 -14.56 -13.69 0.99
N THR A 201 -14.64 -14.66 0.09
CA THR A 201 -15.54 -15.79 0.28
C THR A 201 -14.89 -16.82 1.21
N ALA A 202 -15.67 -17.84 1.56
CA ALA A 202 -15.12 -18.95 2.35
C ALA A 202 -13.98 -19.64 1.61
N GLU A 203 -14.15 -19.82 0.31
CA GLU A 203 -13.13 -20.48 -0.53
C GLU A 203 -11.84 -19.66 -0.54
N GLN A 204 -11.97 -18.33 -0.50
CA GLN A 204 -10.78 -17.49 -0.44
C GLN A 204 -10.16 -17.55 0.95
N CYS A 205 -11.00 -17.43 1.97
CA CYS A 205 -10.51 -17.46 3.35
C CYS A 205 -9.69 -18.71 3.72
N LYS A 206 -10.08 -19.87 3.18
CA LYS A 206 -9.35 -21.10 3.48
C LYS A 206 -7.91 -21.03 2.99
N ARG A 207 -7.65 -20.12 2.04
CA ARG A 207 -6.31 -19.95 1.47
C ARG A 207 -5.49 -18.87 2.16
N LEU A 208 -6.09 -18.21 3.15
CA LEU A 208 -5.38 -17.12 3.86
C LEU A 208 -4.25 -17.70 4.71
N MSE A 209 -3.04 -17.19 4.48
CA MSE A 209 -1.87 -17.63 5.26
C MSE A 209 -2.04 -17.15 6.69
O MSE A 209 -2.74 -16.17 6.96
CB MSE A 209 -0.59 -17.07 4.64
CG MSE A 209 -0.37 -17.51 3.18
SE MSE A 209 1.19 -16.63 2.44
CE MSE A 209 2.55 -17.14 3.76
N ILE A 210 -1.36 -17.83 7.61
CA ILE A 210 -1.49 -17.59 9.05
C ILE A 210 -0.11 -17.46 9.69
N GLY A 211 0.07 -16.42 10.48
CA GLY A 211 1.26 -16.28 11.31
C GLY A 211 0.86 -15.80 12.69
N VAL A 212 1.84 -15.31 13.44
CA VAL A 212 1.59 -14.79 14.78
C VAL A 212 0.82 -13.48 14.67
N GLY A 213 -0.21 -13.34 15.49
CA GLY A 213 -1.05 -12.15 15.45
C GLY A 213 -2.15 -12.21 14.41
N SER A 214 -2.40 -13.39 13.86
CA SER A 214 -3.46 -13.53 12.86
C SER A 214 -4.84 -13.23 13.43
N SER A 215 -5.75 -12.80 12.55
CA SER A 215 -7.14 -12.45 12.89
C SER A 215 -8.05 -13.28 11.99
N ARG A 216 -9.30 -13.48 12.41
CA ARG A 216 -10.25 -14.19 11.55
C ARG A 216 -10.39 -13.49 10.19
N CYS A 217 -10.59 -14.31 9.16
CA CYS A 217 -10.74 -13.81 7.80
C CYS A 217 -12.16 -13.32 7.60
N GLY A 218 -12.33 -12.00 7.50
CA GLY A 218 -13.67 -11.45 7.37
C GLY A 218 -13.71 -10.22 6.50
N ASN A 219 -14.87 -9.58 6.49
CA ASN A 219 -15.10 -8.38 5.73
C ASN A 219 -14.25 -7.27 6.32
N THR A 220 -13.45 -6.61 5.47
CA THR A 220 -12.55 -5.56 5.92
C THR A 220 -12.88 -4.21 5.23
N VAL A 221 -14.12 -4.06 4.80
CA VAL A 221 -14.54 -2.83 4.14
C VAL A 221 -14.33 -1.58 5.03
N ALA A 222 -14.38 -1.76 6.35
CA ALA A 222 -14.11 -0.64 7.27
C ALA A 222 -12.75 0.03 7.01
N ALA A 223 -11.77 -0.76 6.54
CA ALA A 223 -10.44 -0.22 6.25
C ALA A 223 -10.18 -0.21 4.74
N ALA A 224 -11.23 0.06 3.96
CA ALA A 224 -11.17 0.02 2.51
C ALA A 224 -10.07 0.89 1.91
N GLY A 225 -9.83 2.05 2.52
CA GLY A 225 -8.83 2.97 2.04
C GLY A 225 -7.44 2.79 2.63
N SER A 226 -7.38 2.31 3.88
CA SER A 226 -6.12 2.35 4.63
C SER A 226 -5.37 1.02 4.64
N GLY A 227 -6.09 -0.10 4.66
CA GLY A 227 -5.40 -1.36 4.87
C GLY A 227 -6.08 -2.69 4.68
N GLY A 228 -7.37 -2.69 4.32
CA GLY A 228 -8.14 -3.93 4.38
C GLY A 228 -8.00 -4.94 3.26
N ILE A 229 -7.30 -4.59 2.19
CA ILE A 229 -7.39 -5.40 0.98
C ILE A 229 -6.68 -6.76 1.13
N TYR A 230 -7.39 -7.82 0.77
CA TYR A 230 -6.77 -9.14 0.61
C TYR A 230 -6.36 -9.29 -0.84
N SER A 231 -5.26 -10.01 -1.08
CA SER A 231 -4.86 -10.31 -2.45
C SER A 231 -4.12 -11.64 -2.50
N THR A 232 -3.35 -11.85 -3.57
CA THR A 232 -2.49 -13.03 -3.67
C THR A 232 -1.20 -12.58 -4.33
N PRO A 233 -0.13 -13.38 -4.20
CA PRO A 233 1.08 -13.00 -4.92
C PRO A 233 0.85 -12.81 -6.43
N GLU A 234 0.10 -13.70 -7.07
CA GLU A 234 -0.07 -13.58 -8.52
C GLU A 234 -0.88 -12.33 -8.89
N ASP A 235 -1.90 -11.99 -8.10
CA ASP A 235 -2.67 -10.78 -8.37
C ASP A 235 -1.77 -9.55 -8.22
N MSE A 236 -0.95 -9.54 -7.16
CA MSE A 236 -0.06 -8.41 -6.92
C MSE A 236 1.01 -8.28 -7.98
O MSE A 236 1.44 -7.16 -8.29
CB MSE A 236 0.56 -8.49 -5.51
CG MSE A 236 -0.47 -8.39 -4.40
SE MSE A 236 -1.53 -6.74 -4.53
CE MSE A 236 -0.03 -5.52 -4.51
N GLN A 237 1.46 -9.41 -8.55
CA GLN A 237 2.37 -9.33 -9.68
C GLN A 237 1.74 -8.51 -10.82
N HIS A 238 0.49 -8.82 -11.15
CA HIS A 238 -0.20 -8.14 -12.23
C HIS A 238 -0.37 -6.64 -11.93
N TRP A 239 -0.67 -6.30 -10.68
CA TRP A 239 -0.82 -4.90 -10.29
C TRP A 239 0.49 -4.15 -10.42
N MSE A 240 1.55 -4.76 -9.89
CA MSE A 240 2.85 -4.10 -9.88
C MSE A 240 3.36 -3.91 -11.33
O MSE A 240 4.01 -2.91 -11.63
CB MSE A 240 3.84 -4.94 -9.06
CG MSE A 240 5.20 -4.29 -8.94
SE MSE A 240 6.32 -5.07 -7.55
CE MSE A 240 6.63 -6.81 -8.37
N GLN A 241 3.05 -4.86 -12.20
CA GLN A 241 3.54 -4.83 -13.59
C GLN A 241 3.12 -3.55 -14.32
N GLN A 242 2.00 -2.97 -13.90
N GLN A 242 1.97 -2.97 -13.95
CA GLN A 242 1.45 -1.81 -14.58
CA GLN A 242 1.49 -1.79 -14.68
C GLN A 242 2.33 -0.56 -14.43
C GLN A 242 2.38 -0.56 -14.49
N PHE A 243 3.29 -0.60 -13.52
CA PHE A 243 4.23 0.51 -13.32
C PHE A 243 5.53 0.36 -14.10
N LEU A 244 5.71 -0.78 -14.75
CA LEU A 244 7.02 -1.18 -15.29
C LEU A 244 6.89 -1.50 -16.75
N ALA A 245 7.83 -1.04 -17.56
CA ALA A 245 7.81 -1.39 -18.98
C ALA A 245 8.39 -2.79 -19.21
N SER A 246 7.90 -3.45 -20.25
N SER A 246 7.79 -3.49 -20.17
CA SER A 246 8.46 -4.71 -20.72
CA SER A 246 8.29 -4.77 -20.63
C SER A 246 8.36 -4.73 -22.24
C SER A 246 8.22 -4.65 -22.13
N ASP A 247 8.72 -5.84 -22.87
N ASP A 247 9.11 -5.33 -22.85
CA ASP A 247 8.57 -5.90 -24.31
CA ASP A 247 9.14 -5.18 -24.29
C ASP A 247 7.09 -5.93 -24.65
C ASP A 247 7.78 -5.46 -24.93
N ASN A 248 6.27 -6.50 -23.78
N ASN A 248 6.78 -5.82 -24.13
CA ASN A 248 4.87 -6.68 -24.14
CA ASN A 248 5.44 -6.12 -24.63
C ASN A 248 3.94 -5.53 -23.75
C ASN A 248 4.32 -5.17 -24.18
N SER A 249 4.46 -4.57 -23.00
CA SER A 249 3.62 -3.42 -22.64
C SER A 249 4.39 -2.25 -22.08
N ALA A 250 3.78 -1.08 -22.20
CA ALA A 250 4.27 0.12 -21.57
C ALA A 250 3.54 0.21 -20.24
N PRO A 251 4.04 1.06 -19.33
CA PRO A 251 3.28 1.28 -18.09
C PRO A 251 1.90 1.84 -18.36
N LYS A 252 0.98 1.61 -17.43
CA LYS A 252 -0.37 2.16 -17.54
C LYS A 252 -0.32 3.68 -17.66
N ARG A 253 -1.35 4.23 -18.30
CA ARG A 253 -1.43 5.66 -18.58
C ARG A 253 -1.23 6.53 -17.34
N SER A 254 -1.81 6.12 -16.21
CA SER A 254 -1.78 6.92 -15.00
C SER A 254 -0.58 6.63 -14.08
N ALA A 255 0.37 5.78 -14.51
CA ALA A 255 1.44 5.38 -13.58
C ALA A 255 2.25 6.55 -13.07
N LYS A 256 2.62 7.46 -13.97
CA LYS A 256 3.42 8.61 -13.57
C LYS A 256 2.66 9.55 -12.65
N ARG A 257 1.38 9.76 -12.92
CA ARG A 257 0.58 10.61 -12.04
C ARG A 257 0.44 9.94 -10.68
N GLU A 258 0.30 8.62 -10.67
CA GLU A 258 0.14 7.92 -9.39
C GLU A 258 1.38 8.05 -8.54
N GLN A 259 2.54 8.15 -9.18
CA GLN A 259 3.82 8.18 -8.47
C GLN A 259 4.42 9.57 -8.36
N ALA A 260 3.61 10.58 -8.69
CA ALA A 260 4.06 11.97 -8.55
C ALA A 260 4.36 12.29 -7.09
N LEU A 261 5.41 13.07 -6.88
CA LEU A 261 5.80 13.44 -5.54
C LEU A 261 5.32 14.83 -5.21
N TYR A 262 4.83 15.00 -3.99
CA TYR A 262 4.18 16.25 -3.58
C TYR A 262 4.87 17.02 -2.47
N PHE A 263 5.57 16.30 -1.59
CA PHE A 263 6.32 16.97 -0.52
C PHE A 263 7.72 16.41 -0.41
N GLN A 264 8.72 17.24 -0.64
CA GLN A 264 10.08 16.88 -0.28
C GLN A 264 10.17 16.89 1.25
N ARG A 265 11.06 16.08 1.81
CA ARG A 265 11.16 16.00 3.26
C ARG A 265 11.38 17.38 3.88
N GLY A 266 12.23 18.18 3.25
CA GLY A 266 12.56 19.50 3.73
C GLY A 266 11.44 20.52 3.56
N ASP A 267 10.38 20.16 2.83
CA ASP A 267 9.23 21.06 2.63
C ASP A 267 8.26 20.97 3.81
N LEU A 268 8.48 20.02 4.72
CA LEU A 268 7.62 19.81 5.89
C LEU A 268 8.32 20.16 7.19
N VAL A 269 7.55 20.62 8.17
CA VAL A 269 8.11 20.95 9.47
C VAL A 269 8.58 19.69 10.21
N SER A 270 7.79 18.63 10.13
CA SER A 270 8.16 17.34 10.73
C SER A 270 7.48 16.19 10.00
N LEU A 271 8.02 15.00 10.18
CA LEU A 271 7.43 13.79 9.61
C LEU A 271 7.38 12.71 10.68
N LYS A 272 6.23 12.08 10.81
CA LYS A 272 6.07 11.01 11.78
C LYS A 272 5.51 9.79 11.09
N GLY A 273 6.12 8.63 11.33
CA GLY A 273 5.57 7.40 10.81
C GLY A 273 5.91 7.09 9.36
N MSE A 274 6.82 7.86 8.76
CA MSE A 274 7.10 7.73 7.32
C MSE A 274 8.36 6.97 6.99
O MSE A 274 8.61 6.68 5.81
CB MSE A 274 7.22 9.12 6.65
CG MSE A 274 6.00 10.05 6.85
SE MSE A 274 4.26 9.25 6.49
CE MSE A 274 4.59 8.54 4.68
N ASP A 275 9.15 6.64 8.01
CA ASP A 275 10.51 6.16 7.78
C ASP A 275 10.73 4.67 8.07
N VAL A 276 9.65 3.89 7.95
CA VAL A 276 9.68 2.49 8.34
C VAL A 276 10.72 1.66 7.58
N ALA A 277 10.88 1.94 6.28
CA ALA A 277 11.82 1.19 5.46
C ALA A 277 13.09 1.99 5.18
N GLY A 278 13.23 3.13 5.84
CA GLY A 278 14.38 4.01 5.67
C GLY A 278 13.88 5.43 5.52
N GLN A 279 14.79 6.40 5.54
CA GLN A 279 14.38 7.80 5.50
C GLN A 279 13.57 8.13 4.26
N ALA A 280 12.41 8.75 4.48
CA ALA A 280 11.56 9.22 3.40
C ALA A 280 12.10 10.55 2.91
N ASP A 281 12.58 10.57 1.68
CA ASP A 281 13.08 11.82 1.11
C ASP A 281 12.00 12.66 0.40
N ALA A 282 10.93 11.99 -0.03
CA ALA A 282 9.77 12.72 -0.57
C ALA A 282 8.54 11.87 -0.37
N LEU A 283 7.39 12.54 -0.20
CA LEU A 283 6.13 11.84 -0.03
C LEU A 283 5.27 12.05 -1.26
N GLY A 284 4.71 10.96 -1.77
CA GLY A 284 3.74 11.04 -2.84
C GLY A 284 2.35 10.71 -2.34
N LEU A 285 1.56 10.13 -3.23
CA LEU A 285 0.21 9.73 -2.94
C LEU A 285 0.29 8.30 -2.42
N GLY A 286 0.57 8.20 -1.12
CA GLY A 286 0.85 6.91 -0.49
C GLY A 286 2.28 6.47 -0.72
N TRP A 287 2.73 6.48 -1.96
CA TRP A 287 4.11 6.14 -2.30
C TRP A 287 5.07 7.00 -1.49
N VAL A 288 6.21 6.39 -1.14
CA VAL A 288 7.28 7.07 -0.45
C VAL A 288 8.54 6.92 -1.29
N TYR A 289 9.27 8.03 -1.47
CA TYR A 289 10.49 8.00 -2.25
C TYR A 289 11.70 8.11 -1.35
N MSE A 290 12.67 7.23 -1.56
CA MSE A 290 13.95 7.30 -0.88
C MSE A 290 15.02 7.58 -1.92
O MSE A 290 15.16 6.82 -2.89
CB MSE A 290 14.27 5.97 -0.17
CG MSE A 290 13.17 5.58 0.85
SE MSE A 290 13.60 4.03 1.93
CE MSE A 290 14.02 2.75 0.53
N ALA A 291 15.77 8.67 -1.74
CA ALA A 291 16.81 9.03 -2.70
C ALA A 291 17.99 8.05 -2.59
N PRO A 292 18.79 7.97 -3.67
CA PRO A 292 19.99 7.11 -3.64
C PRO A 292 20.87 7.48 -2.47
N LYS A 293 21.38 6.48 -1.77
CA LYS A 293 22.31 6.72 -0.68
C LYS A 293 22.91 5.40 -0.28
N ALA A 294 24.11 5.51 0.30
N ALA A 294 24.10 5.42 0.33
CA ALA A 294 24.98 4.36 0.48
CA ALA A 294 24.66 4.20 0.95
C ALA A 294 25.11 3.67 -0.87
C ALA A 294 24.49 2.89 0.16
N ASP A 295 24.78 2.39 -0.89
N ASP A 295 24.82 2.92 -1.13
CA ASP A 295 24.83 1.61 -2.10
CA ASP A 295 24.82 1.72 -1.97
C ASP A 295 23.42 1.29 -2.59
C ASP A 295 23.42 1.23 -2.36
N LEU A 296 22.44 2.09 -2.18
CA LEU A 296 21.07 1.84 -2.62
C LEU A 296 20.67 2.86 -3.69
N PRO A 297 19.86 2.41 -4.66
CA PRO A 297 19.35 3.33 -5.69
C PRO A 297 18.17 4.14 -5.16
N GLY A 298 17.67 5.09 -5.94
CA GLY A 298 16.46 5.80 -5.60
C GLY A 298 15.30 4.83 -5.77
N ILE A 299 14.48 4.73 -4.73
CA ILE A 299 13.47 3.69 -4.64
C ILE A 299 12.11 4.30 -4.31
N MSE A 300 11.10 3.89 -5.07
CA MSE A 300 9.70 4.18 -4.76
C MSE A 300 9.17 2.97 -4.00
O MSE A 300 9.28 1.84 -4.49
CB MSE A 300 8.88 4.35 -6.05
CG MSE A 300 9.21 5.59 -6.82
SE MSE A 300 8.61 7.18 -5.88
CE MSE A 300 6.75 7.05 -6.25
N GLN A 301 8.56 3.21 -2.84
CA GLN A 301 8.17 2.08 -1.99
C GLN A 301 6.93 2.33 -1.14
N LYS A 302 6.40 1.24 -0.59
CA LYS A 302 5.35 1.32 0.41
C LYS A 302 5.49 0.11 1.33
N THR A 303 5.33 0.37 2.63
CA THR A 303 5.39 -0.65 3.66
C THR A 303 3.98 -1.01 4.13
N GLY A 304 3.82 -2.21 4.72
CA GLY A 304 2.55 -2.58 5.28
C GLY A 304 2.71 -3.61 6.38
N GLY A 305 1.83 -3.56 7.36
CA GLY A 305 1.85 -4.55 8.42
C GLY A 305 0.48 -4.61 9.08
N GLY A 306 -0.07 -5.81 9.20
CA GLY A 306 -1.29 -5.99 9.98
C GLY A 306 -1.78 -7.42 9.95
N GLY A 307 -2.45 -7.84 11.02
CA GLY A 307 -3.06 -9.16 11.09
C GLY A 307 -2.08 -10.31 10.90
N GLY A 308 -0.83 -10.13 11.33
CA GLY A 308 0.17 -11.18 11.23
C GLY A 308 0.93 -11.15 9.92
N PHE A 309 0.59 -10.21 9.03
CA PHE A 309 1.27 -10.04 7.75
C PHE A 309 2.16 -8.82 7.77
N ILE A 310 3.29 -8.90 7.09
CA ILE A 310 4.05 -7.71 6.71
C ILE A 310 4.31 -7.74 5.21
N THR A 311 4.24 -6.57 4.59
CA THR A 311 4.39 -6.47 3.15
C THR A 311 5.29 -5.30 2.80
N TYR A 312 5.92 -5.40 1.65
CA TYR A 312 6.76 -4.30 1.18
C TYR A 312 6.82 -4.36 -0.33
N MSE A 313 6.73 -3.20 -0.95
CA MSE A 313 6.93 -3.10 -2.39
C MSE A 313 7.98 -2.03 -2.64
O MSE A 313 7.88 -0.94 -2.06
CB MSE A 313 5.62 -2.72 -3.11
CG MSE A 313 5.79 -2.66 -4.62
SE MSE A 313 4.14 -2.35 -5.56
CE MSE A 313 3.16 -3.92 -5.00
N ALA A 314 8.99 -2.35 -3.44
CA ALA A 314 10.06 -1.41 -3.73
C ALA A 314 10.30 -1.45 -5.22
N MSE A 315 10.42 -0.30 -5.86
N MSE A 315 10.37 -0.28 -5.85
CA MSE A 315 10.68 -0.36 -7.28
CA MSE A 315 10.48 -0.19 -7.30
C MSE A 315 11.50 0.80 -7.76
C MSE A 315 11.53 0.82 -7.75
O MSE A 315 11.57 1.86 -7.13
O MSE A 315 11.76 1.82 -7.05
CB MSE A 315 9.39 -0.46 -8.07
CB MSE A 315 9.13 0.20 -7.93
CG MSE A 315 8.51 0.76 -7.96
CG MSE A 315 7.92 -0.48 -7.32
SE MSE A 315 7.08 0.77 -9.29
SE MSE A 315 6.33 -0.31 -8.45
CE MSE A 315 5.98 -0.69 -8.61
CE MSE A 315 6.88 -1.54 -9.84
N VAL A 316 12.12 0.58 -8.92
CA VAL A 316 12.93 1.58 -9.58
C VAL A 316 12.32 1.67 -10.97
N PRO A 317 11.28 2.51 -11.13
CA PRO A 317 10.48 2.45 -12.34
C PRO A 317 11.27 2.72 -13.62
N GLU A 318 12.27 3.59 -13.52
N GLU A 318 12.27 3.59 -13.55
CA GLU A 318 13.06 3.94 -14.69
CA GLU A 318 13.02 3.90 -14.78
C GLU A 318 13.83 2.75 -15.24
C GLU A 318 14.02 2.83 -15.17
N LYS A 319 14.09 1.77 -14.37
CA LYS A 319 14.83 0.55 -14.74
C LYS A 319 13.91 -0.65 -14.88
N ASN A 320 12.59 -0.43 -14.78
CA ASN A 320 11.61 -1.50 -14.96
C ASN A 320 11.79 -2.64 -13.97
N ILE A 321 12.13 -2.27 -12.74
CA ILE A 321 12.39 -3.27 -11.71
C ILE A 321 11.46 -3.02 -10.54
N GLY A 322 10.79 -4.08 -10.09
CA GLY A 322 9.93 -3.99 -8.92
C GLY A 322 9.99 -5.27 -8.12
N VAL A 323 9.95 -5.16 -6.80
CA VAL A 323 9.92 -6.30 -5.92
C VAL A 323 8.78 -6.15 -4.93
N PHE A 324 7.97 -7.18 -4.81
CA PHE A 324 6.93 -7.25 -3.80
C PHE A 324 7.20 -8.45 -2.90
N VAL A 325 7.09 -8.27 -1.59
CA VAL A 325 7.29 -9.38 -0.69
C VAL A 325 6.18 -9.39 0.36
N VAL A 326 5.76 -10.59 0.74
CA VAL A 326 4.80 -10.74 1.81
C VAL A 326 5.33 -11.82 2.75
N VAL A 327 5.27 -11.54 4.04
CA VAL A 327 5.71 -12.49 5.05
C VAL A 327 4.64 -12.60 6.13
N THR A 328 4.38 -13.81 6.59
CA THR A 328 3.63 -13.98 7.82
C THR A 328 4.62 -14.02 9.01
N ARG A 329 4.32 -13.22 10.04
CA ARG A 329 5.25 -13.02 11.15
C ARG A 329 5.40 -14.25 12.05
N SER A 330 6.61 -14.48 12.55
CA SER A 330 6.73 -15.19 13.81
C SER A 330 6.93 -14.14 14.91
N GLN A 331 6.99 -14.58 16.17
CA GLN A 331 7.14 -13.63 17.26
C GLN A 331 8.36 -12.70 17.10
N LEU A 332 9.48 -13.25 16.61
CA LEU A 332 10.72 -12.47 16.54
C LEU A 332 10.83 -11.59 15.28
N THR A 333 9.87 -11.69 14.37
CA THR A 333 9.95 -10.94 13.11
C THR A 333 10.11 -9.43 13.32
N LYS A 334 11.16 -8.87 12.69
CA LYS A 334 11.35 -7.42 12.64
C LYS A 334 11.20 -6.95 11.19
N PHE A 335 10.32 -5.98 10.98
CA PHE A 335 9.93 -5.58 9.62
C PHE A 335 11.13 -5.24 8.76
N SER A 336 12.02 -4.42 9.28
CA SER A 336 13.12 -3.95 8.44
C SER A 336 14.12 -5.04 8.09
N ASN A 337 14.07 -6.18 8.78
CA ASN A 337 14.89 -7.32 8.36
C ASN A 337 14.38 -7.96 7.07
N MSE A 338 13.13 -7.66 6.72
CA MSE A 338 12.59 -8.05 5.45
C MSE A 338 12.84 -6.93 4.43
O MSE A 338 13.42 -7.16 3.37
CB MSE A 338 11.11 -8.34 5.56
CG MSE A 338 10.43 -8.70 4.24
SE MSE A 338 8.51 -8.90 4.43
CE MSE A 338 8.05 -7.00 4.53
N SER A 339 12.45 -5.69 4.75
CA SER A 339 12.56 -4.61 3.79
C SER A 339 14.01 -4.23 3.43
N ASP A 340 14.93 -4.28 4.40
CA ASP A 340 16.34 -4.01 4.08
C ASP A 340 16.87 -5.03 3.06
N GLY A 341 16.48 -6.30 3.21
CA GLY A 341 16.90 -7.32 2.26
C GLY A 341 16.36 -7.07 0.87
N VAL A 342 15.09 -6.67 0.78
CA VAL A 342 14.52 -6.30 -0.51
C VAL A 342 15.27 -5.13 -1.15
N ASN A 343 15.59 -4.11 -0.36
CA ASN A 343 16.30 -2.96 -0.91
C ASN A 343 17.67 -3.35 -1.45
N GLN A 344 18.35 -4.23 -0.73
CA GLN A 344 19.64 -4.71 -1.21
C GLN A 344 19.51 -5.57 -2.46
N LEU A 345 18.45 -6.37 -2.54
CA LEU A 345 18.15 -7.11 -3.75
C LEU A 345 17.95 -6.14 -4.93
N VAL A 346 17.14 -5.11 -4.70
CA VAL A 346 16.88 -4.12 -5.75
C VAL A 346 18.20 -3.47 -6.19
N ALA A 347 19.07 -3.20 -5.24
CA ALA A 347 20.37 -2.58 -5.54
C ALA A 347 21.21 -3.48 -6.45
N GLU A 348 21.16 -4.79 -6.20
CA GLU A 348 21.89 -5.71 -7.08
C GLU A 348 21.24 -5.79 -8.46
N LEU A 349 19.90 -5.79 -8.50
CA LEU A 349 19.19 -5.89 -9.77
C LEU A 349 19.44 -4.69 -10.69
N VAL A 350 19.63 -3.50 -10.12
CA VAL A 350 19.82 -2.34 -10.99
C VAL A 350 21.19 -2.22 -11.65
N LYS A 351 22.16 -3.01 -11.19
CA LYS A 351 23.54 -2.94 -11.71
C LYS A 351 23.64 -3.34 -13.17
C1 CIT B . 3.51 -0.38 11.80
O1 CIT B . 3.35 -1.61 11.96
O2 CIT B . 3.10 0.39 12.68
C2 CIT B . 4.19 0.18 10.57
C3 CIT B . 3.13 0.62 9.55
O7 CIT B . 2.36 1.71 10.12
C4 CIT B . 2.19 -0.54 9.21
C5 CIT B . 1.15 -0.14 8.17
O3 CIT B . 0.60 -0.99 7.46
O4 CIT B . 0.84 1.07 8.03
C6 CIT B . 3.85 1.13 8.32
O5 CIT B . 4.38 0.31 7.53
O6 CIT B . 3.92 2.37 8.11
C1 GOL C . -20.15 9.40 4.87
O1 GOL C . -21.11 8.39 5.11
C2 GOL C . -19.56 9.23 3.48
O2 GOL C . -20.57 8.73 2.63
C3 GOL C . -19.04 10.55 2.92
O3 GOL C . -20.04 11.15 2.12
C1 GOL D . -1.81 11.40 15.17
O1 GOL D . -2.09 10.23 15.93
C2 GOL D . -0.33 11.61 14.81
O2 GOL D . 0.42 10.45 15.13
C3 GOL D . 0.15 12.85 15.56
O3 GOL D . 1.46 13.27 15.25
C1 GOL E . 17.69 5.10 -8.99
O1 GOL E . 17.49 4.81 -10.37
C2 GOL E . 18.94 5.96 -8.85
O2 GOL E . 18.60 7.25 -8.40
C3 GOL E . 20.05 5.31 -8.04
O3 GOL E . 21.32 5.90 -8.28
#